data_2F9W
#
_entry.id   2F9W
#
_cell.length_a   90.667
_cell.length_b   90.667
_cell.length_c   179.194
_cell.angle_alpha   90.00
_cell.angle_beta   90.00
_cell.angle_gamma   90.00
#
_symmetry.space_group_name_H-M   'P 41 21 2'
#
loop_
_entity.id
_entity.type
_entity.pdbx_description
1 polymer 'Pantothenate Kinase'
2 non-polymer 'PANTOTHENOIC ACID'
3 non-polymer 1,2-ETHANEDIOL
4 non-polymer GLYCEROL
5 water water
#
_entity_poly.entity_id   1
_entity_poly.type   'polypeptide(L)'
_entity_poly.pdbx_seq_one_letter_code
;(MSE)GSSHHHHHHSSGLVPRGSH(MSE)AS(MSE)ILELDCGNSLIKWRVIEGAARSVAGGLAESDDALVEQLTSQQAL
PVRACRLVSVRSEQETSQLVARLEQLFPVSALVASSGKQLAGVRNGYLDYQRLGLDRWLALVAAHHLAKKACLVIDLGTA
VTSDLVAADGVHLGGYICPG(MSE)TL(MSE)RSQLRTHTRRIRYDDAEARRALASLQPGQATAEAVERGCLL(MSE)LR
GFVREQYA(MSE)ACELLGPDCEIFLTGGDAELVRDELAGARI(MSE)PDLVFVGLALACPIE
;
_entity_poly.pdbx_strand_id   A,B
#
# COMPACT_ATOMS: atom_id res chain seq x y z
N SER A 23 -23.24 -7.77 -36.46
CA SER A 23 -22.08 -6.92 -36.07
C SER A 23 -21.85 -6.94 -34.56
N ILE A 25 -19.43 -5.62 -30.98
CA ILE A 25 -18.83 -4.43 -30.38
C ILE A 25 -17.54 -4.73 -29.63
N LEU A 26 -16.51 -3.93 -29.88
CA LEU A 26 -15.24 -4.07 -29.19
C LEU A 26 -15.25 -3.06 -28.05
N GLU A 27 -15.01 -3.53 -26.83
CA GLU A 27 -15.00 -2.65 -25.67
C GLU A 27 -13.65 -2.70 -24.97
N LEU A 28 -13.18 -1.55 -24.50
CA LEU A 28 -11.90 -1.52 -23.81
C LEU A 28 -11.90 -0.66 -22.56
N ASP A 29 -11.12 -1.09 -21.59
CA ASP A 29 -10.94 -0.39 -20.32
C ASP A 29 -9.44 -0.20 -20.27
N CYS A 30 -8.99 1.00 -20.63
CA CYS A 30 -7.57 1.30 -20.68
C CYS A 30 -7.01 1.89 -19.40
N GLY A 31 -6.15 1.11 -18.73
CA GLY A 31 -5.54 1.57 -17.50
C GLY A 31 -4.12 2.02 -17.74
N ASN A 32 -3.43 2.41 -16.68
CA ASN A 32 -2.04 2.87 -16.81
C ASN A 32 -1.08 1.70 -17.00
N SER A 33 -1.38 0.56 -16.39
CA SER A 33 -0.53 -0.62 -16.49
C SER A 33 -1.10 -1.67 -17.42
N LEU A 34 -2.42 -1.79 -17.45
CA LEU A 34 -3.08 -2.79 -18.27
C LEU A 34 -4.24 -2.29 -19.12
N ILE A 35 -4.55 -3.04 -20.15
CA ILE A 35 -5.68 -2.72 -21.02
C ILE A 35 -6.53 -3.98 -21.07
N LYS A 36 -7.77 -3.86 -20.59
CA LYS A 36 -8.70 -4.97 -20.60
C LYS A 36 -9.66 -4.78 -21.77
N TRP A 37 -9.83 -5.81 -22.58
CA TRP A 37 -10.72 -5.71 -23.73
C TRP A 37 -11.61 -6.94 -23.86
N ARG A 38 -12.71 -6.77 -24.58
CA ARG A 38 -13.64 -7.86 -24.84
C ARG A 38 -14.47 -7.49 -26.05
N VAL A 39 -14.96 -8.50 -26.74
CA VAL A 39 -15.82 -8.30 -27.90
C VAL A 39 -17.16 -8.93 -27.51
N ILE A 40 -18.24 -8.16 -27.62
CA ILE A 40 -19.55 -8.67 -27.25
C ILE A 40 -20.49 -8.83 -28.42
N GLU A 41 -21.30 -9.88 -28.35
CA GLU A 41 -22.30 -10.20 -29.36
C GLU A 41 -23.63 -9.79 -28.75
N GLY A 42 -24.44 -9.06 -29.49
CA GLY A 42 -25.71 -8.62 -28.97
C GLY A 42 -25.52 -7.57 -27.89
N ALA A 43 -26.42 -7.56 -26.91
CA ALA A 43 -26.38 -6.59 -25.82
C ALA A 43 -25.13 -6.64 -24.95
N ALA A 44 -24.69 -7.84 -24.58
CA ALA A 44 -23.52 -7.94 -23.71
C ALA A 44 -22.89 -9.32 -23.59
N ARG A 45 -23.13 -10.20 -24.55
CA ARG A 45 -22.53 -11.52 -24.47
C ARG A 45 -21.09 -11.48 -24.96
N SER A 46 -20.15 -11.69 -24.04
CA SER A 46 -18.73 -11.67 -24.38
C SER A 46 -18.33 -12.95 -25.11
N VAL A 47 -17.63 -12.81 -26.23
CA VAL A 47 -17.21 -13.97 -27.00
C VAL A 47 -15.69 -14.06 -27.09
N ALA A 48 -15.00 -13.06 -26.55
CA ALA A 48 -13.55 -13.03 -26.57
C ALA A 48 -13.05 -11.83 -25.78
N GLY A 49 -11.86 -11.94 -25.22
CA GLY A 49 -11.31 -10.85 -24.44
C GLY A 49 -9.96 -11.20 -23.87
N GLY A 50 -9.38 -10.28 -23.12
CA GLY A 50 -8.09 -10.52 -22.52
C GLY A 50 -7.50 -9.31 -21.83
N LEU A 51 -6.29 -9.49 -21.31
CA LEU A 51 -5.56 -8.42 -20.62
C LEU A 51 -4.22 -8.21 -21.32
N ALA A 52 -3.95 -6.98 -21.71
CA ALA A 52 -2.71 -6.66 -22.39
C ALA A 52 -1.83 -5.79 -21.49
N GLU A 53 -0.57 -6.18 -21.33
CA GLU A 53 0.37 -5.44 -20.51
C GLU A 53 1.05 -4.35 -21.33
N SER A 54 0.75 -4.31 -22.62
CA SER A 54 1.32 -3.32 -23.52
C SER A 54 0.43 -3.20 -24.75
N ASP A 55 0.54 -2.07 -25.46
CA ASP A 55 -0.27 -1.85 -26.65
C ASP A 55 0.09 -2.86 -27.73
N ASP A 56 1.37 -3.21 -27.84
CA ASP A 56 1.81 -4.19 -28.82
C ASP A 56 1.19 -5.53 -28.48
N ALA A 57 1.13 -5.84 -27.18
CA ALA A 57 0.54 -7.10 -26.74
C ALA A 57 -0.94 -7.07 -27.09
N LEU A 58 -1.55 -5.90 -27.00
CA LEU A 58 -2.96 -5.74 -27.32
C LEU A 58 -3.21 -6.02 -28.79
N VAL A 59 -2.46 -5.33 -29.65
CA VAL A 59 -2.58 -5.51 -31.09
C VAL A 59 -2.42 -6.98 -31.44
N GLU A 60 -1.43 -7.63 -30.84
CA GLU A 60 -1.19 -9.05 -31.08
C GLU A 60 -2.43 -9.84 -30.71
N GLN A 61 -3.02 -9.51 -29.56
CA GLN A 61 -4.22 -10.18 -29.09
C GLN A 61 -5.41 -9.93 -30.01
N LEU A 62 -5.60 -8.67 -30.39
CA LEU A 62 -6.71 -8.32 -31.27
C LEU A 62 -6.48 -8.84 -32.69
N THR A 63 -5.24 -9.19 -32.99
CA THR A 63 -4.89 -9.70 -34.31
C THR A 63 -5.35 -11.15 -34.49
N SER A 64 -5.18 -11.95 -33.44
CA SER A 64 -5.57 -13.35 -33.49
C SER A 64 -7.09 -13.50 -33.54
N GLN A 65 -7.80 -12.48 -33.07
CA GLN A 65 -9.26 -12.48 -33.06
C GLN A 65 -9.80 -11.47 -34.07
N GLN A 66 -9.04 -11.26 -35.15
CA GLN A 66 -9.41 -10.31 -36.18
C GLN A 66 -10.46 -10.90 -37.12
N ALA A 67 -10.81 -12.16 -36.89
CA ALA A 67 -11.80 -12.84 -37.71
C ALA A 67 -13.23 -12.56 -37.25
N LEU A 68 -13.37 -11.95 -36.08
CA LEU A 68 -14.69 -11.62 -35.54
C LEU A 68 -15.24 -10.39 -36.26
N PRO A 69 -16.55 -10.38 -36.56
CA PRO A 69 -17.22 -9.28 -37.24
C PRO A 69 -17.44 -8.02 -36.40
N VAL A 70 -16.35 -7.43 -35.93
CA VAL A 70 -16.43 -6.21 -35.13
C VAL A 70 -16.79 -5.01 -36.01
N ARG A 71 -17.86 -4.30 -35.64
CA ARG A 71 -18.29 -3.14 -36.40
C ARG A 71 -18.59 -1.91 -35.56
N ALA A 72 -18.28 -1.99 -34.28
CA ALA A 72 -18.49 -0.86 -33.37
C ALA A 72 -17.46 -0.95 -32.26
N CYS A 73 -17.19 0.18 -31.61
CA CYS A 73 -16.19 0.21 -30.54
C CYS A 73 -16.45 1.32 -29.55
N ARG A 74 -16.23 1.02 -28.27
CA ARG A 74 -16.42 1.99 -27.19
C ARG A 74 -15.33 1.71 -26.15
N LEU A 75 -14.84 2.75 -25.49
CA LEU A 75 -13.81 2.55 -24.49
C LEU A 75 -13.75 3.65 -23.45
N VAL A 76 -13.13 3.32 -22.33
CA VAL A 76 -12.93 4.26 -21.24
C VAL A 76 -11.44 4.19 -20.97
N SER A 77 -10.84 5.33 -20.65
CA SER A 77 -9.41 5.38 -20.41
C SER A 77 -9.02 6.36 -19.32
N VAL A 78 -7.96 6.05 -18.59
CA VAL A 78 -7.45 6.94 -17.54
C VAL A 78 -6.02 7.35 -17.92
N ARG A 79 -5.61 6.98 -19.12
CA ARG A 79 -4.29 7.32 -19.64
C ARG A 79 -4.39 8.74 -20.19
N SER A 80 -3.26 9.32 -20.59
CA SER A 80 -3.28 10.68 -21.11
C SER A 80 -4.16 10.77 -22.36
N GLU A 81 -4.60 11.97 -22.68
CA GLU A 81 -5.44 12.17 -23.85
C GLU A 81 -4.70 11.77 -25.11
N GLN A 82 -3.39 12.03 -25.12
CA GLN A 82 -2.57 11.69 -26.29
C GLN A 82 -2.44 10.18 -26.47
N GLU A 83 -2.15 9.49 -25.38
CA GLU A 83 -2.00 8.03 -25.44
C GLU A 83 -3.32 7.36 -25.80
N THR A 84 -4.42 7.93 -25.35
CA THR A 84 -5.74 7.38 -25.64
C THR A 84 -6.04 7.58 -27.13
N SER A 85 -5.69 8.74 -27.67
CA SER A 85 -5.91 9.01 -29.08
C SER A 85 -5.08 8.09 -29.95
N GLN A 86 -3.84 7.82 -29.54
CA GLN A 86 -2.97 6.94 -30.31
C GLN A 86 -3.56 5.53 -30.32
N LEU A 87 -4.21 5.15 -29.23
CA LEU A 87 -4.84 3.85 -29.15
C LEU A 87 -6.06 3.82 -30.06
N VAL A 88 -6.90 4.85 -29.94
CA VAL A 88 -8.11 4.94 -30.76
C VAL A 88 -7.79 4.86 -32.25
N ALA A 89 -6.78 5.61 -32.68
CA ALA A 89 -6.38 5.60 -34.08
C ALA A 89 -5.89 4.20 -34.46
N ARG A 90 -5.18 3.58 -33.53
CA ARG A 90 -4.63 2.24 -33.73
C ARG A 90 -5.75 1.20 -33.89
N LEU A 91 -6.81 1.36 -33.10
CA LEU A 91 -7.95 0.44 -33.14
C LEU A 91 -8.72 0.58 -34.44
N GLU A 92 -8.94 1.83 -34.85
CA GLU A 92 -9.67 2.11 -36.08
C GLU A 92 -8.92 1.65 -37.32
N GLN A 93 -7.75 1.06 -37.10
CA GLN A 93 -6.92 0.56 -38.20
C GLN A 93 -7.00 -0.97 -38.23
N LEU A 94 -7.38 -1.55 -37.10
CA LEU A 94 -7.50 -3.00 -36.98
C LEU A 94 -8.91 -3.47 -37.30
N PHE A 95 -9.89 -2.59 -37.07
CA PHE A 95 -11.28 -2.91 -37.31
C PHE A 95 -12.00 -1.73 -37.93
N PRO A 96 -13.01 -2.00 -38.78
CA PRO A 96 -13.79 -0.95 -39.44
C PRO A 96 -14.75 -0.32 -38.46
N VAL A 97 -14.23 0.54 -37.58
CA VAL A 97 -15.06 1.18 -36.58
C VAL A 97 -14.68 2.63 -36.27
N SER A 98 -15.63 3.33 -35.65
CA SER A 98 -15.43 4.71 -35.23
C SER A 98 -15.64 4.69 -33.72
N ALA A 99 -14.56 4.43 -32.99
CA ALA A 99 -14.59 4.31 -31.54
C ALA A 99 -15.20 5.47 -30.76
N LEU A 100 -16.01 5.13 -29.78
CA LEU A 100 -16.65 6.11 -28.91
C LEU A 100 -15.81 6.08 -27.63
N VAL A 101 -15.50 7.26 -27.10
CA VAL A 101 -14.69 7.36 -25.89
C VAL A 101 -15.47 8.03 -24.78
N ALA A 102 -15.54 7.37 -23.62
CA ALA A 102 -16.26 7.92 -22.48
C ALA A 102 -15.59 9.20 -22.01
N SER A 103 -16.40 10.15 -21.53
CA SER A 103 -15.87 11.41 -21.04
C SER A 103 -16.52 11.81 -19.72
N SER A 104 -15.90 12.78 -19.04
CA SER A 104 -16.41 13.25 -17.76
C SER A 104 -17.80 13.86 -17.88
N GLY A 105 -18.53 13.86 -16.77
CA GLY A 105 -19.87 14.42 -16.76
C GLY A 105 -20.33 14.67 -15.34
N LYS A 106 -21.19 15.68 -15.16
CA LYS A 106 -21.70 16.00 -13.84
C LYS A 106 -22.77 14.99 -13.43
N GLN A 107 -23.34 14.32 -14.42
CA GLN A 107 -24.35 13.31 -14.15
C GLN A 107 -24.47 12.30 -15.29
N LEU A 108 -24.88 11.08 -14.95
CA LEU A 108 -25.05 10.01 -15.91
C LEU A 108 -25.99 8.96 -15.35
N ALA A 109 -27.04 8.64 -16.13
CA ALA A 109 -28.01 7.64 -15.72
C ALA A 109 -28.60 7.86 -14.34
N GLY A 110 -28.90 9.11 -14.01
CA GLY A 110 -29.49 9.42 -12.71
C GLY A 110 -28.51 9.51 -11.55
N VAL A 111 -27.22 9.48 -11.85
CA VAL A 111 -26.19 9.56 -10.82
C VAL A 111 -25.45 10.88 -10.94
N ARG A 112 -25.25 11.55 -9.80
CA ARG A 112 -24.56 12.83 -9.79
C ARG A 112 -23.12 12.72 -9.30
N ASN A 113 -22.19 13.24 -10.11
CA ASN A 113 -20.77 13.22 -9.80
C ASN A 113 -20.56 13.96 -8.46
N GLY A 114 -19.81 13.35 -7.56
CA GLY A 114 -19.58 13.97 -6.26
C GLY A 114 -18.31 14.77 -6.06
N TYR A 115 -17.46 14.83 -7.08
CA TYR A 115 -16.21 15.59 -6.97
C TYR A 115 -16.46 17.10 -7.07
N LEU A 116 -15.66 17.88 -6.35
CA LEU A 116 -15.78 19.34 -6.41
C LEU A 116 -15.58 19.75 -7.87
N ASP A 117 -14.60 19.13 -8.52
CA ASP A 117 -14.32 19.38 -9.92
C ASP A 117 -14.59 18.04 -10.60
N TYR A 118 -15.78 17.91 -11.17
CA TYR A 118 -16.20 16.67 -11.81
C TYR A 118 -15.23 16.08 -12.83
N GLN A 119 -14.42 16.93 -13.47
CA GLN A 119 -13.48 16.46 -14.48
C GLN A 119 -12.25 15.76 -13.89
N ARG A 120 -12.08 15.88 -12.58
CA ARG A 120 -10.94 15.27 -11.89
C ARG A 120 -11.16 13.81 -11.51
N LEU A 121 -12.42 13.39 -11.43
CA LEU A 121 -12.75 12.02 -11.06
C LEU A 121 -12.36 11.02 -12.15
N GLY A 122 -11.57 10.02 -11.78
CA GLY A 122 -11.16 9.01 -12.74
C GLY A 122 -12.37 8.43 -13.43
N LEU A 123 -12.33 8.33 -14.75
CA LEU A 123 -13.46 7.80 -15.50
C LEU A 123 -13.75 6.34 -15.19
N ASP A 124 -12.73 5.59 -14.79
CA ASP A 124 -12.96 4.18 -14.46
C ASP A 124 -13.82 4.11 -13.19
N ARG A 125 -13.53 4.97 -12.22
CA ARG A 125 -14.30 5.02 -10.97
C ARG A 125 -15.74 5.47 -11.28
N TRP A 126 -15.84 6.52 -12.09
CA TRP A 126 -17.12 7.10 -12.48
C TRP A 126 -18.04 6.06 -13.13
N LEU A 127 -17.56 5.38 -14.18
CA LEU A 127 -18.40 4.40 -14.85
C LEU A 127 -18.79 3.23 -13.95
N ALA A 128 -17.90 2.82 -13.07
CA ALA A 128 -18.19 1.70 -12.17
C ALA A 128 -19.28 2.07 -11.16
N LEU A 129 -19.14 3.24 -10.53
CA LEU A 129 -20.11 3.67 -9.53
C LEU A 129 -21.47 4.00 -10.13
N VAL A 130 -21.47 4.48 -11.38
CA VAL A 130 -22.72 4.78 -12.06
C VAL A 130 -23.43 3.46 -12.36
N ALA A 131 -22.67 2.49 -12.88
CA ALA A 131 -23.23 1.18 -13.22
C ALA A 131 -23.84 0.54 -11.97
N ALA A 132 -23.12 0.62 -10.86
CA ALA A 132 -23.57 0.05 -9.60
C ALA A 132 -24.92 0.60 -9.16
N HIS A 133 -25.07 1.92 -9.11
CA HIS A 133 -26.34 2.49 -8.70
C HIS A 133 -27.42 2.19 -9.72
N HIS A 134 -27.06 2.21 -11.00
CA HIS A 134 -28.01 1.92 -12.07
C HIS A 134 -28.62 0.53 -11.87
N LEU A 135 -27.79 -0.41 -11.42
CA LEU A 135 -28.23 -1.78 -11.20
C LEU A 135 -28.95 -2.00 -9.88
N ALA A 136 -28.48 -1.35 -8.82
CA ALA A 136 -29.07 -1.50 -7.50
C ALA A 136 -30.25 -0.56 -7.19
N LYS A 137 -30.17 0.67 -7.68
CA LYS A 137 -31.23 1.66 -7.42
C LYS A 137 -31.37 1.84 -5.91
N LYS A 138 -30.24 1.64 -5.22
CA LYS A 138 -30.15 1.76 -3.77
C LYS A 138 -28.78 2.36 -3.48
N ALA A 139 -28.51 2.59 -2.20
CA ALA A 139 -27.21 3.12 -1.82
C ALA A 139 -26.22 1.99 -2.00
N CYS A 140 -25.01 2.30 -2.44
CA CYS A 140 -24.03 1.24 -2.58
C CYS A 140 -22.57 1.64 -2.39
N LEU A 141 -21.77 0.62 -2.09
CA LEU A 141 -20.34 0.76 -1.89
C LEU A 141 -19.72 0.03 -3.08
N VAL A 142 -18.81 0.69 -3.78
CA VAL A 142 -18.17 0.11 -4.95
C VAL A 142 -16.67 0.08 -4.77
N ILE A 143 -16.09 -1.11 -4.74
CA ILE A 143 -14.66 -1.25 -4.57
C ILE A 143 -14.02 -1.99 -5.74
N ASP A 144 -12.98 -1.38 -6.30
CA ASP A 144 -12.27 -1.98 -7.43
C ASP A 144 -10.90 -2.41 -6.91
N LEU A 145 -10.69 -3.73 -6.81
CA LEU A 145 -9.42 -4.28 -6.34
C LEU A 145 -8.54 -4.62 -7.53
N GLY A 146 -7.86 -3.61 -8.07
CA GLY A 146 -7.00 -3.83 -9.23
C GLY A 146 -5.55 -3.47 -8.96
N THR A 147 -4.87 -2.99 -10.01
CA THR A 147 -3.48 -2.58 -9.89
C THR A 147 -3.43 -1.54 -8.78
N ALA A 148 -4.40 -0.62 -8.84
CA ALA A 148 -4.58 0.39 -7.82
C ALA A 148 -5.94 0.01 -7.27
N VAL A 149 -6.28 0.50 -6.09
CA VAL A 149 -7.58 0.18 -5.49
C VAL A 149 -8.39 1.46 -5.35
N THR A 150 -9.67 1.40 -5.70
CA THR A 150 -10.54 2.56 -5.58
C THR A 150 -11.83 2.11 -4.89
N SER A 151 -12.45 3.03 -4.18
CA SER A 151 -13.70 2.76 -3.49
C SER A 151 -14.54 4.01 -3.57
N ASP A 152 -15.81 3.85 -3.93
CA ASP A 152 -16.71 4.99 -4.03
C ASP A 152 -18.04 4.65 -3.40
N LEU A 153 -18.69 5.65 -2.81
CA LEU A 153 -19.97 5.47 -2.16
C LEU A 153 -21.03 6.33 -2.83
N VAL A 154 -22.21 5.76 -3.01
CA VAL A 154 -23.31 6.46 -3.66
C VAL A 154 -24.57 6.32 -2.81
N ALA A 155 -25.21 7.45 -2.54
CA ALA A 155 -26.43 7.47 -1.73
C ALA A 155 -27.59 6.89 -2.53
N ALA A 156 -28.62 6.42 -1.83
CA ALA A 156 -29.79 5.83 -2.48
C ALA A 156 -30.40 6.72 -3.56
N ASP A 157 -30.32 8.03 -3.38
CA ASP A 157 -30.89 8.96 -4.35
C ASP A 157 -29.99 9.22 -5.55
N GLY A 158 -28.92 8.44 -5.69
CA GLY A 158 -28.03 8.61 -6.82
C GLY A 158 -26.91 9.62 -6.63
N VAL A 159 -26.77 10.18 -5.44
CA VAL A 159 -25.72 11.16 -5.18
C VAL A 159 -24.41 10.52 -4.74
N HIS A 160 -23.39 10.66 -5.56
CA HIS A 160 -22.05 10.15 -5.28
C HIS A 160 -21.47 10.96 -4.13
N LEU A 161 -21.10 10.29 -3.04
CA LEU A 161 -20.55 10.97 -1.87
C LEU A 161 -19.07 11.28 -2.02
N GLY A 162 -18.40 10.53 -2.89
CA GLY A 162 -16.97 10.70 -3.07
C GLY A 162 -16.33 9.33 -2.90
N GLY A 163 -15.00 9.30 -2.80
CA GLY A 163 -14.37 8.01 -2.65
C GLY A 163 -12.92 8.02 -2.17
N TYR A 164 -12.26 6.89 -2.38
CA TYR A 164 -10.88 6.73 -1.95
C TYR A 164 -10.02 6.05 -3.00
N ILE A 165 -8.71 6.27 -2.88
CA ILE A 165 -7.73 5.68 -3.78
C ILE A 165 -6.56 5.20 -2.94
N CYS A 166 -6.08 3.99 -3.22
CA CYS A 166 -4.92 3.47 -2.52
C CYS A 166 -4.26 2.41 -3.42
N PRO A 167 -3.04 1.98 -3.07
CA PRO A 167 -2.39 0.98 -3.93
C PRO A 167 -3.00 -0.42 -3.86
N GLY A 168 -2.83 -1.18 -4.93
CA GLY A 168 -3.34 -2.53 -4.99
C GLY A 168 -2.17 -3.49 -4.83
N THR A 170 -0.54 -5.46 -6.90
CA THR A 170 0.48 -5.32 -7.94
C THR A 170 1.45 -4.18 -7.67
N LEU A 171 0.91 -3.01 -7.33
CA LEU A 171 1.74 -1.85 -7.06
C LEU A 171 2.57 -2.00 -5.79
N ARG A 173 3.55 -4.82 -4.27
CA ARG A 173 4.55 -5.86 -4.50
C ARG A 173 5.72 -5.33 -5.34
N SER A 174 5.41 -4.65 -6.44
CA SER A 174 6.44 -4.12 -7.32
C SER A 174 7.38 -3.16 -6.60
N GLN A 175 6.82 -2.22 -5.86
CA GLN A 175 7.65 -1.26 -5.14
C GLN A 175 8.56 -1.91 -4.10
N LEU A 176 8.00 -2.78 -3.27
CA LEU A 176 8.78 -3.44 -2.24
C LEU A 176 9.81 -4.44 -2.80
N ARG A 177 9.42 -5.20 -3.82
CA ARG A 177 10.28 -6.23 -4.42
C ARG A 177 11.42 -5.78 -5.31
N THR A 178 11.29 -4.61 -5.92
CA THR A 178 12.34 -4.13 -6.81
C THR A 178 12.91 -2.81 -6.36
N HIS A 179 12.09 -1.99 -5.73
CA HIS A 179 12.53 -0.68 -5.30
C HIS A 179 13.10 -0.56 -3.89
N THR A 180 13.23 -1.69 -3.19
CA THR A 180 13.85 -1.69 -1.87
C THR A 180 15.13 -2.52 -2.05
N ARG A 181 16.01 -2.53 -1.06
CA ARG A 181 17.27 -3.25 -1.20
C ARG A 181 17.31 -4.75 -0.88
N ARG A 182 16.72 -5.15 0.25
CA ARG A 182 16.77 -6.55 0.67
C ARG A 182 15.52 -7.41 0.55
N ILE A 183 14.54 -6.95 -0.22
CA ILE A 183 13.30 -7.73 -0.41
C ILE A 183 13.31 -8.38 -1.77
N ARG A 184 13.51 -9.69 -1.81
CA ARG A 184 13.55 -10.42 -3.08
C ARG A 184 12.89 -11.80 -2.96
N TYR A 185 12.10 -12.14 -3.98
CA TYR A 185 11.42 -13.43 -4.05
C TYR A 185 10.70 -13.51 -5.40
N ASP A 186 10.61 -14.71 -5.96
CA ASP A 186 9.96 -14.90 -7.26
C ASP A 186 8.46 -15.10 -7.20
N ASP A 187 7.84 -15.19 -8.36
CA ASP A 187 6.39 -15.36 -8.48
C ASP A 187 5.87 -16.68 -7.91
N ALA A 188 6.65 -17.74 -8.03
CA ALA A 188 6.24 -19.04 -7.51
C ALA A 188 6.08 -18.97 -5.99
N GLU A 189 7.09 -18.48 -5.30
CA GLU A 189 6.98 -18.38 -3.85
C GLU A 189 5.98 -17.30 -3.45
N ALA A 190 5.74 -16.33 -4.33
CA ALA A 190 4.77 -15.29 -4.05
C ALA A 190 3.39 -15.93 -4.00
N ARG A 191 3.11 -16.81 -4.96
CA ARG A 191 1.81 -17.47 -5.02
C ARG A 191 1.60 -18.40 -3.83
N ARG A 192 2.60 -19.20 -3.50
CA ARG A 192 2.50 -20.14 -2.38
C ARG A 192 2.35 -19.42 -1.03
N ALA A 193 2.85 -18.19 -0.96
CA ALA A 193 2.80 -17.42 0.28
C ALA A 193 1.40 -17.06 0.77
N LEU A 194 0.43 -16.97 -0.14
CA LEU A 194 -0.92 -16.61 0.27
C LEU A 194 -1.81 -17.74 0.78
N ALA A 195 -1.21 -18.91 1.01
CA ALA A 195 -1.94 -20.07 1.50
C ALA A 195 -2.33 -19.90 2.98
N SER A 196 -1.75 -18.89 3.62
CA SER A 196 -2.05 -18.59 5.02
C SER A 196 -1.83 -17.11 5.25
N LEU A 197 -2.49 -16.54 6.25
CA LEU A 197 -2.31 -15.13 6.58
C LEU A 197 -1.61 -14.98 7.92
N GLN A 198 -1.13 -16.10 8.47
CA GLN A 198 -0.42 -16.08 9.74
C GLN A 198 0.94 -15.39 9.52
N PRO A 199 1.62 -14.98 10.60
CA PRO A 199 2.92 -14.32 10.51
C PRO A 199 3.89 -15.03 9.57
N GLY A 200 4.51 -14.27 8.68
CA GLY A 200 5.44 -14.84 7.73
C GLY A 200 6.78 -15.19 8.33
N GLN A 201 7.38 -16.27 7.83
CA GLN A 201 8.67 -16.71 8.34
C GLN A 201 9.70 -16.67 7.22
N ALA A 202 9.37 -15.94 6.17
CA ALA A 202 10.23 -15.74 5.02
C ALA A 202 9.75 -14.43 4.39
N THR A 203 10.63 -13.78 3.63
CA THR A 203 10.27 -12.50 3.02
C THR A 203 9.00 -12.54 2.16
N ALA A 204 8.89 -13.52 1.27
CA ALA A 204 7.70 -13.60 0.42
C ALA A 204 6.43 -13.67 1.26
N GLU A 205 6.48 -14.42 2.35
CA GLU A 205 5.33 -14.55 3.25
C GLU A 205 5.02 -13.23 3.95
N ALA A 206 6.05 -12.59 4.50
CA ALA A 206 5.84 -11.33 5.20
C ALA A 206 5.25 -10.26 4.29
N VAL A 207 5.76 -10.15 3.07
CA VAL A 207 5.27 -9.15 2.12
C VAL A 207 3.89 -9.45 1.53
N GLU A 208 3.71 -10.64 0.99
CA GLU A 208 2.43 -10.99 0.40
C GLU A 208 1.29 -10.97 1.42
N ARG A 209 1.52 -11.58 2.58
CA ARG A 209 0.49 -11.63 3.61
C ARG A 209 0.28 -10.25 4.23
N GLY A 210 1.37 -9.50 4.37
CA GLY A 210 1.25 -8.17 4.96
C GLY A 210 0.41 -7.29 4.07
N CYS A 211 0.72 -7.30 2.78
CA CYS A 211 -0.03 -6.48 1.84
C CYS A 211 -1.48 -6.94 1.70
N LEU A 212 -1.71 -8.25 1.70
CA LEU A 212 -3.09 -8.73 1.58
C LEU A 212 -3.90 -8.35 2.83
N LEU A 213 -3.27 -8.41 4.01
CA LEU A 213 -3.97 -8.04 5.24
C LEU A 213 -4.27 -6.54 5.19
N LEU A 215 -4.89 -4.90 2.49
CA LEU A 215 -5.99 -4.80 1.55
C LEU A 215 -7.30 -5.23 2.21
N ARG A 216 -7.26 -6.35 2.93
CA ARG A 216 -8.45 -6.85 3.61
C ARG A 216 -8.89 -5.89 4.70
N GLY A 217 -7.92 -5.26 5.37
CA GLY A 217 -8.26 -4.31 6.41
C GLY A 217 -8.92 -3.08 5.81
N PHE A 218 -8.47 -2.67 4.64
CA PHE A 218 -9.03 -1.51 3.96
C PHE A 218 -10.48 -1.80 3.58
N VAL A 219 -10.73 -3.00 3.07
CA VAL A 219 -12.08 -3.39 2.70
C VAL A 219 -13.02 -3.34 3.90
N ARG A 220 -12.55 -3.76 5.07
CA ARG A 220 -13.38 -3.73 6.27
C ARG A 220 -13.62 -2.29 6.70
N GLU A 221 -12.63 -1.42 6.49
CA GLU A 221 -12.77 -0.01 6.85
C GLU A 221 -13.86 0.59 5.94
N GLN A 222 -13.85 0.19 4.67
CA GLN A 222 -14.82 0.69 3.71
C GLN A 222 -16.23 0.24 4.06
N TYR A 223 -16.37 -1.01 4.48
CA TYR A 223 -17.68 -1.52 4.86
C TYR A 223 -18.21 -0.75 6.08
N ALA A 224 -17.33 -0.49 7.04
CA ALA A 224 -17.70 0.25 8.24
C ALA A 224 -18.15 1.68 7.88
N ALA A 226 -19.33 2.66 4.96
CA ALA A 226 -20.59 2.51 4.22
C ALA A 226 -21.76 2.32 5.17
N CYS A 227 -21.58 1.50 6.20
CA CYS A 227 -22.65 1.26 7.17
C CYS A 227 -23.06 2.57 7.86
N GLU A 228 -22.06 3.36 8.23
CA GLU A 228 -22.32 4.62 8.92
C GLU A 228 -22.98 5.68 8.03
N LEU A 229 -22.50 5.82 6.81
CA LEU A 229 -23.02 6.84 5.90
C LEU A 229 -24.19 6.42 5.00
N LEU A 230 -24.28 5.12 4.69
CA LEU A 230 -25.33 4.65 3.80
C LEU A 230 -26.34 3.72 4.48
N GLY A 231 -25.98 3.23 5.66
CA GLY A 231 -26.86 2.31 6.37
C GLY A 231 -26.37 0.89 6.16
N PRO A 232 -26.65 -0.04 7.09
CA PRO A 232 -26.20 -1.43 6.96
C PRO A 232 -26.96 -2.19 5.87
N ASP A 233 -27.80 -1.49 5.13
CA ASP A 233 -28.60 -2.09 4.08
C ASP A 233 -28.11 -1.72 2.67
N CYS A 234 -26.91 -1.17 2.59
CA CYS A 234 -26.36 -0.75 1.29
C CYS A 234 -25.85 -1.94 0.47
N GLU A 235 -25.93 -1.80 -0.85
CA GLU A 235 -25.46 -2.86 -1.74
C GLU A 235 -23.94 -2.75 -1.89
N ILE A 236 -23.25 -3.88 -1.89
CA ILE A 236 -21.80 -3.88 -2.04
C ILE A 236 -21.40 -4.50 -3.36
N PHE A 237 -20.60 -3.76 -4.12
CA PHE A 237 -20.11 -4.20 -5.43
C PHE A 237 -18.59 -4.27 -5.39
N LEU A 238 -18.04 -5.39 -5.84
CA LEU A 238 -16.59 -5.57 -5.88
C LEU A 238 -16.21 -5.92 -7.33
N THR A 239 -15.12 -5.35 -7.80
CA THR A 239 -14.66 -5.64 -9.15
C THR A 239 -13.13 -5.62 -9.12
N GLY A 240 -12.49 -5.84 -10.27
CA GLY A 240 -11.04 -5.86 -10.30
C GLY A 240 -10.52 -7.29 -10.20
N GLY A 241 -9.32 -7.53 -10.71
CA GLY A 241 -8.72 -8.85 -10.69
C GLY A 241 -8.43 -9.47 -9.32
N ASP A 242 -8.36 -8.64 -8.29
CA ASP A 242 -8.07 -9.16 -6.95
C ASP A 242 -9.30 -9.26 -6.05
N ALA A 243 -10.49 -9.11 -6.63
CA ALA A 243 -11.72 -9.17 -5.85
C ALA A 243 -11.87 -10.51 -5.11
N GLU A 244 -11.40 -11.59 -5.75
CA GLU A 244 -11.50 -12.90 -5.12
C GLU A 244 -10.72 -13.00 -3.82
N LEU A 245 -9.65 -12.21 -3.69
CA LEU A 245 -8.82 -12.23 -2.50
C LEU A 245 -9.51 -11.67 -1.26
N VAL A 246 -10.56 -10.88 -1.45
CA VAL A 246 -11.25 -10.27 -0.33
C VAL A 246 -12.74 -10.59 -0.25
N ARG A 247 -13.26 -11.36 -1.19
CA ARG A 247 -14.70 -11.62 -1.20
C ARG A 247 -15.28 -12.37 0.00
N ASP A 248 -14.46 -13.16 0.69
CA ASP A 248 -14.94 -13.90 1.84
C ASP A 248 -15.28 -12.94 2.99
N GLU A 249 -14.71 -11.73 2.95
CA GLU A 249 -14.95 -10.73 3.99
C GLU A 249 -16.38 -10.19 3.96
N LEU A 250 -16.99 -10.19 2.78
CA LEU A 250 -18.34 -9.68 2.58
C LEU A 250 -19.16 -10.71 1.80
N ALA A 251 -19.68 -11.70 2.52
CA ALA A 251 -20.45 -12.78 1.93
C ALA A 251 -21.56 -12.36 0.96
N GLY A 252 -22.24 -11.26 1.26
CA GLY A 252 -23.32 -10.83 0.39
C GLY A 252 -22.94 -9.90 -0.76
N ALA A 253 -21.65 -9.59 -0.88
CA ALA A 253 -21.19 -8.68 -1.93
C ALA A 253 -21.39 -9.23 -3.35
N ARG A 254 -21.60 -8.32 -4.29
CA ARG A 254 -21.77 -8.70 -5.69
C ARG A 254 -20.42 -8.53 -6.39
N ILE A 255 -19.82 -9.64 -6.79
CA ILE A 255 -18.54 -9.59 -7.49
C ILE A 255 -18.84 -9.50 -8.98
N PRO A 257 -16.81 -8.67 -12.38
CA PRO A 257 -15.57 -8.45 -13.15
C PRO A 257 -15.69 -7.39 -14.25
N ASP A 258 -16.87 -7.31 -14.86
CA ASP A 258 -17.09 -6.37 -15.96
C ASP A 258 -17.96 -5.17 -15.61
N LEU A 259 -17.98 -4.80 -14.33
CA LEU A 259 -18.78 -3.67 -13.88
C LEU A 259 -18.52 -2.39 -14.67
N VAL A 260 -17.25 -2.08 -14.91
CA VAL A 260 -16.92 -0.86 -15.65
C VAL A 260 -17.51 -0.87 -17.06
N PHE A 261 -17.60 -2.04 -17.68
CA PHE A 261 -18.16 -2.14 -19.02
C PHE A 261 -19.66 -1.89 -19.02
N VAL A 262 -20.31 -2.18 -17.89
CA VAL A 262 -21.75 -1.92 -17.78
C VAL A 262 -21.90 -0.39 -17.83
N GLY A 263 -21.02 0.31 -17.13
CA GLY A 263 -21.06 1.76 -17.11
C GLY A 263 -20.69 2.33 -18.46
N LEU A 264 -19.77 1.69 -19.15
CA LEU A 264 -19.34 2.15 -20.47
C LEU A 264 -20.51 2.12 -21.45
N ALA A 265 -21.39 1.13 -21.29
CA ALA A 265 -22.55 1.01 -22.18
C ALA A 265 -23.50 2.19 -21.92
N LEU A 266 -23.60 2.61 -20.68
CA LEU A 266 -24.47 3.73 -20.32
C LEU A 266 -23.87 5.05 -20.79
N ALA A 267 -22.54 5.15 -20.74
CA ALA A 267 -21.86 6.37 -21.16
C ALA A 267 -21.80 6.49 -22.68
N CYS A 268 -21.62 5.37 -23.36
CA CYS A 268 -21.52 5.35 -24.81
C CYS A 268 -22.50 4.37 -25.46
N PRO A 269 -23.80 4.68 -25.44
CA PRO A 269 -24.79 3.78 -26.04
C PRO A 269 -24.55 3.58 -27.54
N ILE A 270 -24.77 2.34 -28.00
CA ILE A 270 -24.58 1.99 -29.40
C ILE A 270 -25.79 1.26 -29.98
N GLU A 271 -26.12 1.56 -31.23
CA GLU A 271 -27.24 0.93 -31.91
C GLU A 271 -28.52 1.02 -31.09
N SER B 23 31.66 11.09 27.90
CA SER B 23 31.73 10.08 26.81
C SER B 23 30.32 9.67 26.38
N ILE B 25 27.45 8.30 23.18
CA ILE B 25 27.33 7.33 22.09
C ILE B 25 26.43 7.82 20.96
N LEU B 26 26.93 7.69 19.73
CA LEU B 26 26.16 8.05 18.54
C LEU B 26 25.50 6.76 18.06
N GLU B 27 24.18 6.78 17.89
CA GLU B 27 23.47 5.60 17.43
C GLU B 27 22.72 5.92 16.15
N LEU B 28 22.70 4.97 15.21
CA LEU B 28 21.99 5.18 13.95
C LEU B 28 21.17 3.98 13.51
N ASP B 29 20.09 4.28 12.79
CA ASP B 29 19.18 3.28 12.23
C ASP B 29 19.07 3.68 10.77
N CYS B 30 19.79 2.97 9.90
CA CYS B 30 19.80 3.26 8.48
C CYS B 30 18.74 2.48 7.72
N GLY B 31 17.67 3.17 7.32
CA GLY B 31 16.58 2.55 6.58
C GLY B 31 16.74 2.68 5.08
N ASN B 32 15.75 2.24 4.31
CA ASN B 32 15.87 2.33 2.86
C ASN B 32 15.64 3.75 2.32
N SER B 33 14.98 4.60 3.10
CA SER B 33 14.73 5.97 2.66
C SER B 33 15.33 7.03 3.57
N LEU B 34 15.44 6.71 4.86
CA LEU B 34 15.99 7.67 5.82
C LEU B 34 16.97 7.04 6.80
N ILE B 35 17.78 7.89 7.41
CA ILE B 35 18.73 7.44 8.43
C ILE B 35 18.33 8.20 9.68
N LYS B 36 17.96 7.46 10.73
CA LYS B 36 17.59 8.10 11.99
C LYS B 36 18.79 7.98 12.92
N TRP B 37 19.15 9.10 13.56
CA TRP B 37 20.29 9.08 14.47
C TRP B 37 19.97 9.81 15.77
N ARG B 38 20.73 9.47 16.79
CA ARG B 38 20.60 10.12 18.09
C ARG B 38 21.89 9.94 18.85
N VAL B 39 22.17 10.86 19.77
CA VAL B 39 23.34 10.77 20.61
C VAL B 39 22.77 10.62 22.00
N ILE B 40 23.31 9.69 22.78
CA ILE B 40 22.84 9.46 24.14
C ILE B 40 23.94 9.66 25.16
N GLU B 41 23.53 10.14 26.34
CA GLU B 41 24.43 10.35 27.45
C GLU B 41 24.08 9.24 28.44
N GLY B 42 25.07 8.66 29.07
CA GLY B 42 24.78 7.59 30.00
C GLY B 42 24.19 6.40 29.28
N ALA B 43 23.39 5.61 30.00
CA ALA B 43 22.78 4.41 29.44
C ALA B 43 21.82 4.62 28.28
N ALA B 44 20.98 5.66 28.34
CA ALA B 44 20.01 5.86 27.27
C ALA B 44 19.34 7.22 27.17
N ARG B 45 19.92 8.26 27.75
CA ARG B 45 19.27 9.57 27.67
C ARG B 45 19.61 10.27 26.37
N SER B 46 18.61 10.41 25.50
CA SER B 46 18.80 11.05 24.21
C SER B 46 18.96 12.57 24.37
N VAL B 47 20.04 13.12 23.81
CA VAL B 47 20.30 14.55 23.92
C VAL B 47 20.31 15.28 22.57
N ALA B 48 20.28 14.52 21.49
CA ALA B 48 20.27 15.09 20.15
C ALA B 48 19.89 14.02 19.15
N GLY B 49 19.40 14.43 17.99
CA GLY B 49 19.03 13.46 16.97
C GLY B 49 18.32 14.09 15.80
N GLY B 50 18.03 13.27 14.79
CA GLY B 50 17.34 13.77 13.61
C GLY B 50 17.10 12.68 12.59
N LEU B 51 16.50 13.07 11.47
CA LEU B 51 16.20 12.16 10.36
C LEU B 51 16.85 12.73 9.11
N ALA B 52 17.72 11.96 8.48
CA ALA B 52 18.42 12.40 7.27
C ALA B 52 18.02 11.58 6.05
N GLU B 53 17.85 12.26 4.92
CA GLU B 53 17.46 11.60 3.68
C GLU B 53 18.66 11.07 2.89
N SER B 54 19.86 11.31 3.38
CA SER B 54 21.07 10.86 2.70
C SER B 54 22.29 10.98 3.61
N ASP B 55 23.40 10.35 3.21
CA ASP B 55 24.63 10.41 4.00
C ASP B 55 25.09 11.86 4.15
N ASP B 56 24.96 12.64 3.07
CA ASP B 56 25.35 14.05 3.09
C ASP B 56 24.50 14.83 4.08
N ALA B 57 23.19 14.64 4.00
CA ALA B 57 22.26 15.31 4.89
C ALA B 57 22.57 14.93 6.34
N LEU B 58 23.03 13.70 6.54
CA LEU B 58 23.38 13.22 7.87
C LEU B 58 24.63 13.95 8.39
N VAL B 59 25.67 13.98 7.56
CA VAL B 59 26.91 14.65 7.94
C VAL B 59 26.61 16.11 8.23
N GLU B 60 25.70 16.69 7.45
CA GLU B 60 25.29 18.08 7.64
C GLU B 60 24.68 18.25 9.02
N GLN B 61 23.73 17.38 9.34
CA GLN B 61 23.05 17.41 10.63
C GLN B 61 24.00 17.16 11.79
N LEU B 62 24.98 16.28 11.60
CA LEU B 62 25.93 15.97 12.66
C LEU B 62 26.95 17.06 12.92
N THR B 63 27.19 17.91 11.93
CA THR B 63 28.17 18.96 12.07
C THR B 63 27.60 20.37 12.16
N SER B 64 26.28 20.50 12.14
CA SER B 64 25.67 21.83 12.21
C SER B 64 25.41 22.28 13.65
N GLN B 65 25.10 21.33 14.52
CA GLN B 65 24.83 21.64 15.92
C GLN B 65 26.11 21.71 16.72
N GLN B 66 26.01 22.14 17.98
CA GLN B 66 27.16 22.24 18.85
C GLN B 66 27.76 20.85 19.01
N ALA B 67 29.07 20.74 18.90
CA ALA B 67 29.75 19.45 19.02
C ALA B 67 29.55 18.79 20.38
N LEU B 68 29.30 17.50 20.36
CA LEU B 68 29.11 16.71 21.58
C LEU B 68 30.28 15.74 21.67
N PRO B 69 30.67 15.34 22.90
CA PRO B 69 31.78 14.41 23.10
C PRO B 69 31.49 12.96 22.73
N VAL B 70 31.24 12.71 21.45
CA VAL B 70 30.96 11.36 20.97
C VAL B 70 32.22 10.51 21.01
N ARG B 71 32.20 9.43 21.79
CA ARG B 71 33.37 8.57 21.90
C ARG B 71 33.09 7.11 21.55
N ALA B 72 31.88 6.82 21.08
CA ALA B 72 31.51 5.46 20.69
C ALA B 72 30.38 5.56 19.70
N CYS B 73 30.19 4.51 18.90
CA CYS B 73 29.14 4.52 17.90
C CYS B 73 28.69 3.11 17.56
N ARG B 74 27.37 2.94 17.45
CA ARG B 74 26.80 1.66 17.07
C ARG B 74 25.64 1.94 16.13
N LEU B 75 25.37 1.01 15.22
CA LEU B 75 24.31 1.23 14.27
C LEU B 75 23.73 -0.05 13.70
N VAL B 76 22.50 0.07 13.19
CA VAL B 76 21.83 -1.04 12.55
C VAL B 76 21.47 -0.50 11.18
N SER B 77 21.62 -1.33 10.16
CA SER B 77 21.33 -0.92 8.79
C SER B 77 20.67 -2.02 7.99
N VAL B 78 19.74 -1.65 7.12
CA VAL B 78 19.10 -2.60 6.22
C VAL B 78 19.52 -2.25 4.79
N ARG B 79 20.55 -1.41 4.68
CA ARG B 79 21.06 -1.04 3.36
C ARG B 79 22.10 -2.09 2.99
N SER B 80 22.69 -1.97 1.81
CA SER B 80 23.70 -2.94 1.39
C SER B 80 24.94 -2.85 2.26
N GLU B 81 25.73 -3.91 2.27
CA GLU B 81 26.95 -3.92 3.06
C GLU B 81 27.90 -2.82 2.59
N GLN B 82 27.98 -2.61 1.28
CA GLN B 82 28.87 -1.57 0.76
C GLN B 82 28.39 -0.17 1.14
N GLU B 83 27.09 0.04 1.13
CA GLU B 83 26.56 1.34 1.52
C GLU B 83 26.82 1.57 3.01
N THR B 84 26.69 0.50 3.78
CA THR B 84 26.91 0.58 5.22
C THR B 84 28.38 0.85 5.53
N SER B 85 29.28 0.13 4.86
CA SER B 85 30.72 0.32 5.07
C SER B 85 31.11 1.73 4.66
N GLN B 86 30.46 2.23 3.61
CA GLN B 86 30.72 3.57 3.11
C GLN B 86 30.37 4.57 4.19
N LEU B 87 29.20 4.38 4.80
CA LEU B 87 28.76 5.27 5.88
C LEU B 87 29.69 5.18 7.08
N VAL B 88 30.08 3.96 7.45
CA VAL B 88 30.97 3.77 8.60
C VAL B 88 32.30 4.50 8.39
N ALA B 89 32.81 4.48 7.16
CA ALA B 89 34.07 5.17 6.86
C ALA B 89 33.94 6.65 7.17
N ARG B 90 32.80 7.24 6.79
CA ARG B 90 32.56 8.65 7.03
C ARG B 90 32.51 8.95 8.54
N LEU B 91 31.70 8.18 9.26
CA LEU B 91 31.54 8.37 10.70
C LEU B 91 32.85 8.23 11.47
N GLU B 92 33.67 7.25 11.10
CA GLU B 92 34.93 7.03 11.79
C GLU B 92 35.96 8.12 11.50
N GLN B 93 35.68 8.96 10.52
CA GLN B 93 36.57 10.04 10.17
C GLN B 93 36.07 11.29 10.89
N LEU B 94 34.76 11.35 11.07
CA LEU B 94 34.10 12.47 11.73
C LEU B 94 34.25 12.42 13.24
N PHE B 95 34.26 11.21 13.79
CA PHE B 95 34.37 10.99 15.22
C PHE B 95 35.46 9.96 15.52
N PRO B 96 36.14 10.10 16.66
CA PRO B 96 37.21 9.17 17.06
C PRO B 96 36.62 7.86 17.57
N VAL B 97 35.95 7.14 16.68
CA VAL B 97 35.30 5.90 17.06
C VAL B 97 35.52 4.72 16.13
N SER B 98 35.19 3.53 16.63
CA SER B 98 35.26 2.30 15.88
C SER B 98 33.81 1.83 15.96
N ALA B 99 33.04 2.12 14.91
CA ALA B 99 31.62 1.80 14.85
C ALA B 99 31.26 0.32 14.96
N LEU B 100 30.27 0.03 15.81
CA LEU B 100 29.81 -1.33 15.98
C LEU B 100 28.58 -1.47 15.09
N VAL B 101 28.54 -2.52 14.28
CA VAL B 101 27.42 -2.74 13.36
C VAL B 101 26.66 -3.99 13.76
N ALA B 102 25.36 -3.85 13.99
CA ALA B 102 24.53 -4.98 14.38
C ALA B 102 24.49 -6.03 13.28
N SER B 103 24.36 -7.30 13.67
CA SER B 103 24.31 -8.38 12.69
C SER B 103 23.20 -9.38 13.00
N SER B 104 22.89 -10.21 12.03
CA SER B 104 21.85 -11.23 12.18
C SER B 104 22.20 -12.22 13.28
N GLY B 105 21.16 -12.76 13.91
CA GLY B 105 21.38 -13.72 14.97
C GLY B 105 20.15 -14.60 15.14
N LYS B 106 20.37 -15.84 15.57
CA LYS B 106 19.28 -16.76 15.79
C LYS B 106 18.64 -16.46 17.14
N GLN B 107 19.42 -15.85 18.03
CA GLN B 107 18.93 -15.51 19.36
C GLN B 107 19.59 -14.25 19.91
N LEU B 108 18.84 -13.47 20.68
CA LEU B 108 19.36 -12.24 21.28
C LEU B 108 18.50 -11.88 22.48
N ALA B 109 19.15 -11.67 23.62
CA ALA B 109 18.46 -11.28 24.84
C ALA B 109 17.27 -12.16 25.19
N GLY B 110 17.41 -13.46 25.00
CA GLY B 110 16.33 -14.38 25.33
C GLY B 110 15.24 -14.50 24.29
N VAL B 111 15.45 -13.89 23.13
CA VAL B 111 14.47 -13.94 22.06
C VAL B 111 15.01 -14.75 20.89
N ARG B 112 14.17 -15.62 20.35
CA ARG B 112 14.58 -16.48 19.25
C ARG B 112 13.97 -16.05 17.90
N ASN B 113 14.84 -15.93 16.91
CA ASN B 113 14.48 -15.52 15.55
C ASN B 113 13.47 -16.51 14.96
N GLY B 114 12.38 -16.00 14.40
CA GLY B 114 11.35 -16.87 13.83
C GLY B 114 11.42 -17.14 12.34
N TYR B 115 12.38 -16.53 11.64
CA TYR B 115 12.51 -16.76 10.21
C TYR B 115 13.16 -18.11 9.94
N LEU B 116 12.76 -18.78 8.86
CA LEU B 116 13.37 -20.08 8.53
C LEU B 116 14.84 -19.90 8.24
N ASP B 117 15.18 -18.78 7.59
CA ASP B 117 16.57 -18.43 7.31
C ASP B 117 16.76 -17.15 8.11
N TYR B 118 17.34 -17.27 9.30
CA TYR B 118 17.50 -16.12 10.18
C TYR B 118 18.20 -14.90 9.58
N GLN B 119 19.08 -15.13 8.61
CA GLN B 119 19.81 -14.02 7.99
C GLN B 119 18.98 -13.19 7.03
N ARG B 120 17.76 -13.63 6.73
CA ARG B 120 16.91 -12.88 5.80
C ARG B 120 15.99 -11.88 6.51
N LEU B 121 15.86 -11.99 7.83
CA LEU B 121 15.00 -11.08 8.60
C LEU B 121 15.64 -9.70 8.70
N GLY B 122 14.89 -8.65 8.33
CA GLY B 122 15.44 -7.31 8.41
C GLY B 122 15.97 -7.03 9.81
N LEU B 123 17.18 -6.49 9.91
CA LEU B 123 17.74 -6.22 11.22
C LEU B 123 16.96 -5.17 12.01
N ASP B 124 16.34 -4.23 11.33
CA ASP B 124 15.55 -3.24 12.06
C ASP B 124 14.38 -3.95 12.74
N ARG B 125 13.72 -4.86 12.03
CA ARG B 125 12.60 -5.61 12.60
C ARG B 125 13.10 -6.43 13.78
N TRP B 126 14.20 -7.14 13.56
CA TRP B 126 14.81 -8.00 14.58
C TRP B 126 15.12 -7.24 15.87
N LEU B 127 15.82 -6.12 15.77
CA LEU B 127 16.15 -5.36 16.98
C LEU B 127 14.94 -4.80 17.70
N ALA B 128 13.93 -4.36 16.96
CA ALA B 128 12.72 -3.81 17.57
C ALA B 128 11.92 -4.87 18.31
N LEU B 129 11.75 -6.05 17.70
CA LEU B 129 10.97 -7.11 18.34
C LEU B 129 11.71 -7.70 19.54
N VAL B 130 13.04 -7.76 19.46
CA VAL B 130 13.82 -8.28 20.58
C VAL B 130 13.68 -7.29 21.75
N ALA B 131 13.77 -6.01 21.44
CA ALA B 131 13.65 -4.98 22.47
C ALA B 131 12.28 -5.07 23.15
N ALA B 132 11.24 -5.24 22.34
CA ALA B 132 9.88 -5.33 22.87
C ALA B 132 9.73 -6.47 23.87
N HIS B 133 10.17 -7.66 23.51
CA HIS B 133 10.04 -8.78 24.44
C HIS B 133 10.93 -8.60 25.66
N HIS B 134 12.12 -8.04 25.45
CA HIS B 134 13.06 -7.81 26.53
C HIS B 134 12.41 -6.93 27.58
N LEU B 135 11.65 -5.94 27.15
CA LEU B 135 10.99 -5.02 28.07
C LEU B 135 9.73 -5.60 28.70
N ALA B 136 8.94 -6.31 27.91
CA ALA B 136 7.68 -6.86 28.39
C ALA B 136 7.76 -8.24 29.05
N LYS B 137 8.61 -9.12 28.54
CA LYS B 137 8.73 -10.47 29.06
C LYS B 137 7.35 -11.11 29.04
N LYS B 138 6.60 -10.80 27.97
CA LYS B 138 5.24 -11.30 27.73
C LYS B 138 5.06 -11.36 26.23
N ALA B 139 3.93 -11.92 25.78
CA ALA B 139 3.65 -11.98 24.34
C ALA B 139 3.56 -10.54 23.84
N CYS B 140 4.12 -10.26 22.66
CA CYS B 140 4.11 -8.90 22.12
C CYS B 140 3.73 -8.80 20.66
N LEU B 141 3.08 -7.69 20.32
CA LEU B 141 2.75 -7.37 18.94
C LEU B 141 3.56 -6.09 18.75
N VAL B 142 4.44 -6.07 17.75
CA VAL B 142 5.28 -4.90 17.51
C VAL B 142 5.05 -4.36 16.12
N ILE B 143 4.55 -3.13 16.02
CA ILE B 143 4.28 -2.53 14.72
C ILE B 143 5.08 -1.24 14.52
N ASP B 144 5.84 -1.17 13.44
CA ASP B 144 6.63 0.02 13.11
C ASP B 144 5.91 0.72 11.97
N LEU B 145 5.40 1.91 12.22
CA LEU B 145 4.68 2.68 11.20
C LEU B 145 5.63 3.74 10.65
N GLY B 146 6.48 3.36 9.70
CA GLY B 146 7.41 4.31 9.14
C GLY B 146 7.32 4.42 7.63
N THR B 147 8.47 4.57 6.99
CA THR B 147 8.52 4.66 5.53
C THR B 147 7.80 3.43 5.02
N ALA B 148 8.19 2.29 5.57
CA ALA B 148 7.56 1.01 5.25
C ALA B 148 6.91 0.66 6.58
N VAL B 149 6.00 -0.30 6.57
CA VAL B 149 5.34 -0.73 7.80
C VAL B 149 5.73 -2.18 8.04
N THR B 150 6.11 -2.49 9.27
CA THR B 150 6.46 -3.86 9.62
C THR B 150 5.76 -4.22 10.91
N SER B 151 5.38 -5.47 11.03
CA SER B 151 4.71 -5.95 12.21
C SER B 151 5.23 -7.33 12.54
N ASP B 152 5.59 -7.55 13.80
CA ASP B 152 6.10 -8.84 14.24
C ASP B 152 5.44 -9.26 15.54
N LEU B 153 5.24 -10.57 15.68
CA LEU B 153 4.62 -11.12 16.87
C LEU B 153 5.60 -12.03 17.59
N VAL B 154 5.64 -11.91 18.92
CA VAL B 154 6.54 -12.72 19.73
C VAL B 154 5.74 -13.37 20.86
N ALA B 155 5.93 -14.68 21.02
CA ALA B 155 5.23 -15.42 22.08
C ALA B 155 5.81 -15.08 23.44
N ALA B 156 5.04 -15.38 24.49
CA ALA B 156 5.45 -15.11 25.85
C ALA B 156 6.82 -15.73 26.18
N ASP B 157 7.13 -16.86 25.56
CA ASP B 157 8.40 -17.53 25.84
C ASP B 157 9.58 -16.97 25.04
N GLY B 158 9.35 -15.87 24.34
CA GLY B 158 10.43 -15.26 23.57
C GLY B 158 10.60 -15.76 22.15
N VAL B 159 9.72 -16.64 21.71
CA VAL B 159 9.83 -17.16 20.34
C VAL B 159 9.10 -16.24 19.36
N HIS B 160 9.87 -15.67 18.44
CA HIS B 160 9.34 -14.79 17.38
C HIS B 160 8.51 -15.68 16.47
N LEU B 161 7.23 -15.35 16.30
CA LEU B 161 6.34 -16.14 15.43
C LEU B 161 6.54 -15.84 13.96
N GLY B 162 6.97 -14.62 13.67
CA GLY B 162 7.16 -14.20 12.29
C GLY B 162 6.53 -12.83 12.17
N GLY B 163 6.38 -12.31 10.95
CA GLY B 163 5.81 -10.99 10.82
C GLY B 163 5.36 -10.61 9.42
N TYR B 164 5.12 -9.32 9.24
CA TYR B 164 4.63 -8.81 7.98
C TYR B 164 5.36 -7.53 7.54
N ILE B 165 5.29 -7.27 6.24
CA ILE B 165 5.89 -6.08 5.64
C ILE B 165 4.87 -5.46 4.68
N CYS B 166 4.68 -4.15 4.78
CA CYS B 166 3.75 -3.41 3.92
C CYS B 166 4.31 -2.02 3.66
N PRO B 167 3.76 -1.31 2.68
CA PRO B 167 4.27 0.04 2.42
C PRO B 167 3.67 0.97 3.48
N GLY B 168 4.39 2.04 3.82
CA GLY B 168 3.89 3.00 4.78
C GLY B 168 3.27 4.15 3.99
N THR B 170 4.38 7.13 3.13
CA THR B 170 5.24 7.69 2.11
C THR B 170 5.44 6.78 0.91
N LEU B 171 5.51 5.48 1.15
CA LEU B 171 5.68 4.51 0.07
C LEU B 171 4.40 4.36 -0.76
N ARG B 173 2.08 6.74 -1.21
CA ARG B 173 1.97 7.97 -2.00
C ARG B 173 2.89 7.89 -3.20
N SER B 174 4.12 7.46 -2.94
CA SER B 174 5.15 7.34 -3.96
C SER B 174 4.78 6.40 -5.10
N GLN B 175 4.25 5.22 -4.77
CA GLN B 175 3.90 4.29 -5.82
C GLN B 175 2.71 4.77 -6.64
N LEU B 176 1.79 5.49 -6.01
CA LEU B 176 0.63 6.01 -6.73
C LEU B 176 1.08 7.16 -7.64
N ARG B 177 2.00 7.97 -7.14
CA ARG B 177 2.54 9.11 -7.89
C ARG B 177 3.22 8.58 -9.16
N THR B 178 3.99 7.51 -9.00
CA THR B 178 4.69 6.87 -10.11
C THR B 178 3.73 6.17 -11.07
N HIS B 179 2.63 5.67 -10.52
CA HIS B 179 1.63 4.96 -11.33
C HIS B 179 0.88 5.86 -12.32
N THR B 180 0.55 7.08 -11.89
CA THR B 180 -0.18 7.99 -12.77
C THR B 180 0.13 9.46 -12.53
N ARG B 181 0.27 10.22 -13.61
CA ARG B 181 0.55 11.64 -13.50
C ARG B 181 -0.70 12.39 -13.01
N ARG B 182 -1.81 11.67 -12.90
CA ARG B 182 -3.06 12.26 -12.44
C ARG B 182 -3.02 12.54 -10.95
N ILE B 183 -2.12 11.88 -10.24
CA ILE B 183 -2.01 12.07 -8.79
C ILE B 183 -0.84 12.98 -8.43
N ARG B 184 -1.14 14.26 -8.23
CA ARG B 184 -0.14 15.26 -7.89
C ARG B 184 -0.78 16.37 -7.05
N TYR B 185 -0.20 16.65 -5.89
CA TYR B 185 -0.72 17.71 -5.03
C TYR B 185 0.30 18.15 -3.99
N ASP B 186 0.09 19.33 -3.44
CA ASP B 186 0.97 19.92 -2.43
C ASP B 186 0.84 19.26 -1.07
N ASP B 187 1.80 19.52 -0.19
CA ASP B 187 1.77 18.98 1.16
C ASP B 187 0.67 19.65 1.97
N ALA B 188 0.45 20.94 1.70
CA ALA B 188 -0.58 21.68 2.41
C ALA B 188 -1.92 21.02 2.14
N GLU B 189 -2.18 20.72 0.86
CA GLU B 189 -3.43 20.08 0.48
C GLU B 189 -3.49 18.69 1.11
N ALA B 190 -2.34 18.00 1.11
CA ALA B 190 -2.25 16.67 1.68
C ALA B 190 -2.58 16.69 3.18
N ARG B 191 -1.99 17.64 3.89
CA ARG B 191 -2.22 17.76 5.32
C ARG B 191 -3.67 18.09 5.65
N ARG B 192 -4.27 18.99 4.88
CA ARG B 192 -5.66 19.38 5.09
C ARG B 192 -6.60 18.20 4.87
N ALA B 193 -6.26 17.35 3.91
CA ALA B 193 -7.08 16.20 3.57
C ALA B 193 -7.27 15.19 4.71
N LEU B 194 -6.28 15.08 5.59
CA LEU B 194 -6.36 14.12 6.68
C LEU B 194 -7.19 14.59 7.87
N ALA B 195 -7.83 15.74 7.75
CA ALA B 195 -8.67 16.27 8.82
C ALA B 195 -9.97 15.49 8.92
N SER B 196 -10.18 14.57 7.98
CA SER B 196 -11.38 13.75 7.96
C SER B 196 -11.15 12.47 7.15
N LEU B 197 -11.87 11.41 7.50
CA LEU B 197 -11.73 10.15 6.77
C LEU B 197 -12.96 9.86 5.93
N GLN B 198 -13.85 10.85 5.80
CA GLN B 198 -15.06 10.73 5.00
C GLN B 198 -14.66 10.61 3.53
N PRO B 199 -15.58 10.14 2.66
CA PRO B 199 -15.25 10.00 1.24
C PRO B 199 -14.66 11.28 0.65
N GLY B 200 -13.60 11.13 -0.14
CA GLY B 200 -12.95 12.28 -0.74
C GLY B 200 -13.65 12.81 -1.96
N GLN B 201 -13.62 14.13 -2.12
CA GLN B 201 -14.27 14.77 -3.26
C GLN B 201 -13.26 15.49 -4.14
N ALA B 202 -11.99 15.12 -3.95
CA ALA B 202 -10.87 15.66 -4.70
C ALA B 202 -9.76 14.63 -4.60
N THR B 203 -8.87 14.58 -5.58
CA THR B 203 -7.79 13.61 -5.59
C THR B 203 -6.99 13.54 -4.29
N ALA B 204 -6.56 14.69 -3.78
CA ALA B 204 -5.78 14.73 -2.55
C ALA B 204 -6.54 14.05 -1.40
N GLU B 205 -7.84 14.31 -1.31
CA GLU B 205 -8.66 13.71 -0.26
C GLU B 205 -8.81 12.20 -0.46
N ALA B 206 -9.09 11.79 -1.70
CA ALA B 206 -9.27 10.37 -1.99
C ALA B 206 -8.01 9.55 -1.68
N VAL B 207 -6.86 10.06 -2.10
CA VAL B 207 -5.59 9.37 -1.88
C VAL B 207 -5.10 9.35 -0.43
N GLU B 208 -5.03 10.53 0.20
CA GLU B 208 -4.56 10.59 1.58
C GLU B 208 -5.47 9.83 2.53
N ARG B 209 -6.78 9.98 2.36
CA ARG B 209 -7.72 9.27 3.23
C ARG B 209 -7.76 7.78 2.91
N GLY B 210 -7.64 7.44 1.64
CA GLY B 210 -7.66 6.04 1.25
C GLY B 210 -6.46 5.33 1.84
N CYS B 211 -5.29 5.94 1.69
CA CYS B 211 -4.06 5.36 2.21
C CYS B 211 -4.06 5.26 3.73
N LEU B 212 -4.64 6.26 4.40
CA LEU B 212 -4.68 6.23 5.85
C LEU B 212 -5.62 5.14 6.33
N LEU B 213 -6.73 4.95 5.64
CA LEU B 213 -7.69 3.92 6.01
C LEU B 213 -7.03 2.55 5.79
N LEU B 215 -3.85 1.97 6.18
CA LEU B 215 -2.92 1.85 7.30
C LEU B 215 -3.70 1.47 8.58
N ARG B 216 -4.78 2.18 8.83
CA ARG B 216 -5.58 1.92 10.02
C ARG B 216 -6.22 0.53 9.98
N GLY B 217 -6.60 0.10 8.78
CA GLY B 217 -7.20 -1.21 8.62
C GLY B 217 -6.18 -2.32 8.87
N PHE B 218 -4.94 -2.09 8.44
CA PHE B 218 -3.88 -3.06 8.66
C PHE B 218 -3.64 -3.23 10.16
N VAL B 219 -3.64 -2.11 10.88
CA VAL B 219 -3.43 -2.14 12.32
C VAL B 219 -4.51 -2.96 13.03
N ARG B 220 -5.76 -2.83 12.59
CA ARG B 220 -6.83 -3.60 13.20
C ARG B 220 -6.68 -5.09 12.86
N GLU B 221 -6.22 -5.39 11.64
CA GLU B 221 -6.02 -6.79 11.25
C GLU B 221 -4.92 -7.38 12.14
N GLN B 222 -3.89 -6.57 12.42
CA GLN B 222 -2.79 -7.03 13.26
C GLN B 222 -3.26 -7.28 14.70
N TYR B 223 -4.10 -6.40 15.21
CA TYR B 223 -4.62 -6.57 16.57
C TYR B 223 -5.44 -7.87 16.65
N ALA B 224 -6.20 -8.16 15.60
CA ALA B 224 -7.02 -9.37 15.58
C ALA B 224 -6.15 -10.63 15.50
N ALA B 226 -3.07 -10.87 16.54
CA ALA B 226 -2.38 -10.98 17.83
C ALA B 226 -3.32 -11.60 18.88
N CYS B 227 -4.55 -11.12 18.94
CA CYS B 227 -5.52 -11.65 19.90
C CYS B 227 -5.71 -13.15 19.72
N GLU B 228 -5.72 -13.57 18.46
CA GLU B 228 -5.91 -14.97 18.12
C GLU B 228 -4.71 -15.85 18.47
N LEU B 229 -3.52 -15.40 18.11
CA LEU B 229 -2.31 -16.16 18.35
C LEU B 229 -1.59 -15.93 19.67
N LEU B 230 -1.75 -14.74 20.25
CA LEU B 230 -1.07 -14.43 21.51
C LEU B 230 -2.00 -14.25 22.70
N GLY B 231 -3.29 -14.13 22.44
CA GLY B 231 -4.25 -13.94 23.52
C GLY B 231 -4.59 -12.47 23.63
N PRO B 232 -5.79 -12.14 24.14
CA PRO B 232 -6.26 -10.75 24.30
C PRO B 232 -5.40 -9.87 25.22
N ASP B 233 -4.59 -10.51 26.06
CA ASP B 233 -3.73 -9.77 27.00
C ASP B 233 -2.30 -9.52 26.53
N CYS B 234 -2.05 -9.61 25.23
CA CYS B 234 -0.69 -9.38 24.74
C CYS B 234 -0.31 -7.91 24.81
N GLU B 235 0.98 -7.63 24.92
CA GLU B 235 1.44 -6.24 24.96
C GLU B 235 1.58 -5.74 23.53
N ILE B 236 1.20 -4.47 23.30
CA ILE B 236 1.30 -3.90 21.96
C ILE B 236 2.27 -2.74 21.96
N PHE B 237 3.25 -2.80 21.07
CA PHE B 237 4.27 -1.77 20.94
C PHE B 237 4.12 -1.12 19.58
N LEU B 238 4.10 0.21 19.55
CA LEU B 238 4.00 0.95 18.30
C LEU B 238 5.22 1.87 18.22
N THR B 239 5.83 1.96 17.05
CA THR B 239 6.98 2.83 16.87
C THR B 239 6.87 3.38 15.46
N GLY B 240 7.80 4.25 15.07
CA GLY B 240 7.75 4.83 13.75
C GLY B 240 7.09 6.20 13.81
N GLY B 241 7.44 7.06 12.88
CA GLY B 241 6.89 8.41 12.85
C GLY B 241 5.39 8.49 12.66
N ASP B 242 4.79 7.48 12.05
CA ASP B 242 3.34 7.50 11.82
C ASP B 242 2.50 6.76 12.85
N ALA B 243 3.10 6.38 13.98
CA ALA B 243 2.35 5.70 15.03
C ALA B 243 1.24 6.62 15.51
N GLU B 244 1.48 7.93 15.38
CA GLU B 244 0.51 8.94 15.78
C GLU B 244 -0.81 8.80 15.02
N LEU B 245 -0.72 8.39 13.76
CA LEU B 245 -1.89 8.24 12.91
C LEU B 245 -2.81 7.07 13.24
N VAL B 246 -2.32 6.12 14.03
CA VAL B 246 -3.11 4.95 14.36
C VAL B 246 -3.24 4.60 15.85
N ARG B 247 -2.53 5.32 16.72
CA ARG B 247 -2.59 4.98 18.13
C ARG B 247 -3.95 5.07 18.79
N ASP B 248 -4.86 5.85 18.21
CA ASP B 248 -6.19 5.98 18.79
C ASP B 248 -6.94 4.65 18.70
N GLU B 249 -6.51 3.79 17.78
CA GLU B 249 -7.14 2.48 17.59
C GLU B 249 -6.77 1.51 18.71
N LEU B 250 -5.66 1.78 19.40
CA LEU B 250 -5.17 0.93 20.47
C LEU B 250 -4.77 1.76 21.69
N ALA B 251 -5.77 2.20 22.45
CA ALA B 251 -5.54 3.04 23.63
C ALA B 251 -4.45 2.56 24.59
N GLY B 252 -4.36 1.25 24.81
CA GLY B 252 -3.36 0.73 25.72
C GLY B 252 -2.00 0.41 25.13
N ALA B 253 -1.77 0.80 23.88
CA ALA B 253 -0.50 0.52 23.23
C ALA B 253 0.64 1.33 23.83
N ARG B 254 1.85 0.77 23.78
CA ARG B 254 3.02 1.45 24.28
C ARG B 254 3.73 2.07 23.07
N ILE B 255 3.66 3.38 22.94
CA ILE B 255 4.32 4.06 21.83
C ILE B 255 5.75 4.34 22.24
N PRO B 257 9.06 5.63 20.34
CA PRO B 257 9.77 6.19 19.19
C PRO B 257 11.16 5.62 18.94
N ASP B 258 11.88 5.31 20.01
CA ASP B 258 13.23 4.78 19.87
C ASP B 258 13.38 3.30 20.21
N LEU B 259 12.31 2.53 20.00
CA LEU B 259 12.33 1.09 20.29
C LEU B 259 13.51 0.35 19.64
N VAL B 260 13.79 0.64 18.37
CA VAL B 260 14.87 -0.06 17.70
C VAL B 260 16.22 0.19 18.39
N PHE B 261 16.41 1.37 18.96
CA PHE B 261 17.65 1.69 19.65
C PHE B 261 17.82 0.92 20.95
N VAL B 262 16.70 0.50 21.55
CA VAL B 262 16.78 -0.30 22.76
C VAL B 262 17.38 -1.64 22.33
N GLY B 263 16.94 -2.11 21.17
CA GLY B 263 17.44 -3.37 20.64
C GLY B 263 18.89 -3.26 20.22
N LEU B 264 19.25 -2.11 19.65
CA LEU B 264 20.63 -1.88 19.22
C LEU B 264 21.60 -1.97 20.39
N ALA B 265 21.21 -1.44 21.55
CA ALA B 265 22.06 -1.49 22.73
C ALA B 265 22.31 -2.94 23.15
N LEU B 266 21.30 -3.78 22.97
CA LEU B 266 21.40 -5.20 23.32
C LEU B 266 22.28 -5.93 22.31
N ALA B 267 22.14 -5.56 21.03
CA ALA B 267 22.92 -6.20 19.98
C ALA B 267 24.38 -5.75 20.01
N CYS B 268 24.62 -4.49 20.34
CA CYS B 268 25.97 -3.94 20.37
C CYS B 268 26.29 -3.24 21.69
N PRO B 269 26.47 -4.02 22.77
CA PRO B 269 26.77 -3.42 24.08
C PRO B 269 28.07 -2.61 24.06
N ILE B 270 28.09 -1.51 24.80
CA ILE B 270 29.26 -0.65 24.85
C ILE B 270 29.74 -0.31 26.26
N GLU B 271 31.06 -0.27 26.42
CA GLU B 271 31.69 0.07 27.69
C GLU B 271 31.05 -0.66 28.85
#